data_9K3W
#
_entry.id   9K3W
#
_cell.length_a   48.779
_cell.length_b   29.618
_cell.length_c   115.750
_cell.angle_alpha   90.000
_cell.angle_beta   93.360
_cell.angle_gamma   90.000
#
_symmetry.space_group_name_H-M   'C 1 2 1'
#
loop_
_entity.id
_entity.type
_entity.pdbx_description
1 polymer 'Transcriptional regulator, PbsX family'
2 non-polymer 'TETRAETHYLENE GLYCOL'
3 water water
#
_entity_poly.entity_id   1
_entity_poly.type   'polypeptide(L)'
_entity_poly.pdbx_seq_one_letter_code
;GSKNRIKVLRAEHNLTQADLADKLDVSRQTINALETGKYDPSLPLAFKLARLFGLRIEDIFQDEG
;
_entity_poly.pdbx_strand_id   A,B,C
#
loop_
_chem_comp.id
_chem_comp.type
_chem_comp.name
_chem_comp.formula
PG4 non-polymer 'TETRAETHYLENE GLYCOL' 'C8 H18 O5'
#
# COMPACT_ATOMS: atom_id res chain seq x y z
N GLY A 1 -2.98 -10.44 11.13
CA GLY A 1 -2.83 -11.84 11.46
C GLY A 1 -1.39 -12.30 11.46
N SER A 2 -1.10 -13.37 12.21
CA SER A 2 0.25 -13.90 12.30
C SER A 2 0.79 -14.26 10.92
N LYS A 3 -0.05 -14.81 10.05
CA LYS A 3 0.35 -15.16 8.70
C LYS A 3 0.32 -13.90 7.83
N ASN A 4 1.48 -13.31 7.58
CA ASN A 4 1.61 -12.19 6.67
C ASN A 4 3.06 -12.16 6.21
N ARG A 5 3.31 -11.41 5.14
CA ARG A 5 4.67 -11.38 4.59
C ARG A 5 5.37 -10.05 4.84
N ILE A 6 4.94 -9.28 5.84
CA ILE A 6 5.51 -7.96 6.06
C ILE A 6 6.99 -8.07 6.39
N LYS A 7 7.35 -9.00 7.29
CA LYS A 7 8.76 -9.15 7.65
C LYS A 7 9.60 -9.54 6.44
N VAL A 8 9.11 -10.49 5.64
CA VAL A 8 9.85 -10.92 4.46
C VAL A 8 9.96 -9.79 3.44
N LEU A 9 8.88 -9.01 3.28
CA LEU A 9 8.92 -7.91 2.31
C LEU A 9 9.85 -6.79 2.78
N ARG A 10 9.90 -6.53 4.09
CA ARG A 10 10.86 -5.57 4.62
C ARG A 10 12.29 -5.95 4.25
N ALA A 11 12.64 -7.22 4.39
CA ALA A 11 13.99 -7.65 4.07
C ALA A 11 14.29 -7.43 2.59
N GLU A 12 13.30 -7.69 1.72
CA GLU A 12 13.47 -7.51 0.29
C GLU A 12 13.61 -6.04 -0.11
N HIS A 13 13.03 -5.13 0.69
CA HIS A 13 12.95 -3.71 0.39
C HIS A 13 13.89 -2.83 1.23
N ASN A 14 14.87 -3.41 1.91
CA ASN A 14 15.87 -2.64 2.66
C ASN A 14 15.22 -1.81 3.77
N LEU A 15 14.24 -2.38 4.47
CA LEU A 15 13.52 -1.66 5.51
C LEU A 15 13.72 -2.30 6.88
N THR A 16 14.07 -1.48 7.86
CA THR A 16 13.89 -1.87 9.25
C THR A 16 12.42 -1.66 9.64
N GLN A 17 12.05 -2.19 10.81
CA GLN A 17 10.70 -1.91 11.32
C GLN A 17 10.46 -0.42 11.45
N ALA A 18 11.46 0.31 11.95
CA ALA A 18 11.33 1.76 12.10
C ALA A 18 11.22 2.45 10.75
N ASP A 19 12.00 2.00 9.77
CA ASP A 19 11.90 2.57 8.42
C ASP A 19 10.50 2.41 7.87
N LEU A 20 9.93 1.21 7.97
CA LEU A 20 8.58 0.95 7.48
C LEU A 20 7.57 1.79 8.24
N ALA A 21 7.71 1.85 9.57
CA ALA A 21 6.82 2.66 10.38
C ALA A 21 6.82 4.10 9.89
N ASP A 22 8.02 4.66 9.67
CA ASP A 22 8.11 6.05 9.24
C ASP A 22 7.50 6.25 7.86
N LYS A 23 7.63 5.25 6.96
CA LYS A 23 7.05 5.41 5.63
C LYS A 23 5.53 5.34 5.64
N LEU A 24 4.94 4.73 6.67
CA LEU A 24 3.48 4.58 6.80
C LEU A 24 2.88 5.53 7.82
N ASP A 25 3.69 6.37 8.45
CA ASP A 25 3.24 7.31 9.49
C ASP A 25 2.58 6.59 10.67
N VAL A 26 3.11 5.41 11.02
CA VAL A 26 2.72 4.71 12.24
C VAL A 26 3.95 4.50 13.10
N SER A 27 3.72 4.08 14.33
CA SER A 27 4.81 3.90 15.28
C SER A 27 5.46 2.54 15.08
N ARG A 28 6.68 2.39 15.61
CA ARG A 28 7.42 1.14 15.43
C ARG A 28 6.69 -0.03 16.08
N GLN A 29 6.08 0.18 17.25
CA GLN A 29 5.36 -0.92 17.89
C GLN A 29 4.18 -1.36 17.04
N THR A 30 3.56 -0.43 16.31
CA THR A 30 2.45 -0.80 15.43
C THR A 30 2.94 -1.76 14.36
N ILE A 31 4.10 -1.47 13.76
CA ILE A 31 4.65 -2.38 12.75
C ILE A 31 4.94 -3.74 13.36
N ASN A 32 5.55 -3.77 14.55
CA ASN A 32 5.86 -5.06 15.16
C ASN A 32 4.58 -5.83 15.48
N ALA A 33 3.56 -5.13 15.95
CA ALA A 33 2.29 -5.78 16.25
C ALA A 33 1.66 -6.34 14.98
N LEU A 34 1.81 -5.64 13.86
CA LEU A 34 1.29 -6.15 12.59
C LEU A 34 2.03 -7.41 12.15
N GLU A 35 3.37 -7.40 12.25
CA GLU A 35 4.16 -8.52 11.75
C GLU A 35 3.91 -9.78 12.57
N THR A 36 3.76 -9.64 13.89
CA THR A 36 3.51 -10.77 14.76
C THR A 36 2.05 -11.16 14.82
N GLY A 37 1.16 -10.40 14.20
CA GLY A 37 -0.25 -10.69 14.26
C GLY A 37 -0.96 -10.25 15.53
N LYS A 38 -0.30 -9.50 16.41
CA LYS A 38 -0.98 -9.04 17.61
C LYS A 38 -2.07 -8.02 17.26
N TYR A 39 -1.83 -7.23 16.21
CA TYR A 39 -2.75 -6.22 15.71
C TYR A 39 -3.19 -6.60 14.30
N ASP A 40 -4.49 -6.54 14.05
CA ASP A 40 -4.91 -6.53 12.65
C ASP A 40 -4.96 -5.10 12.13
N PRO A 41 -4.48 -4.81 10.92
CA PRO A 41 -4.47 -3.42 10.45
C PRO A 41 -5.88 -2.96 10.10
N SER A 42 -6.10 -1.65 10.25
CA SER A 42 -7.27 -1.03 9.63
C SER A 42 -7.17 -1.22 8.12
N LEU A 43 -8.32 -1.15 7.46
CA LEU A 43 -8.28 -1.23 5.99
C LEU A 43 -7.45 -0.12 5.38
N PRO A 44 -7.53 1.15 5.80
CA PRO A 44 -6.64 2.17 5.22
C PRO A 44 -5.16 1.84 5.38
N LEU A 45 -4.76 1.28 6.53
CA LEU A 45 -3.35 0.94 6.71
C LEU A 45 -2.94 -0.23 5.83
N ALA A 46 -3.84 -1.21 5.64
CA ALA A 46 -3.55 -2.30 4.73
C ALA A 46 -3.34 -1.78 3.32
N PHE A 47 -4.17 -0.82 2.89
CA PHE A 47 -3.95 -0.18 1.59
C PHE A 47 -2.59 0.50 1.53
N LYS A 48 -2.22 1.25 2.57
CA LYS A 48 -0.94 1.94 2.52
C LYS A 48 0.22 0.96 2.43
N LEU A 49 0.17 -0.13 3.19
CA LEU A 49 1.20 -1.17 3.08
C LEU A 49 1.24 -1.76 1.68
N ALA A 50 0.07 -2.12 1.15
CA ALA A 50 0.01 -2.72 -0.18
C ALA A 50 0.58 -1.78 -1.23
N ARG A 51 0.22 -0.51 -1.18
CA ARG A 51 0.71 0.43 -2.18
C ARG A 51 2.21 0.68 -2.05
N LEU A 52 2.74 0.67 -0.81
CA LEU A 52 4.16 0.86 -0.62
C LEU A 52 4.98 -0.22 -1.34
N PHE A 53 4.52 -1.47 -1.24
CA PHE A 53 5.22 -2.61 -1.84
C PHE A 53 4.74 -2.92 -3.25
N GLY A 54 3.73 -2.19 -3.75
CA GLY A 54 3.24 -2.43 -5.10
C GLY A 54 2.51 -3.75 -5.27
N LEU A 55 1.81 -4.21 -4.24
CA LEU A 55 1.19 -5.52 -4.25
C LEU A 55 -0.30 -5.38 -3.92
N ARG A 56 -1.02 -6.49 -4.11
CA ARG A 56 -2.39 -6.56 -3.66
C ARG A 56 -2.41 -6.84 -2.16
N ILE A 57 -3.50 -6.43 -1.50
CA ILE A 57 -3.62 -6.68 -0.07
C ILE A 57 -3.52 -8.19 0.21
N GLU A 58 -4.18 -9.00 -0.62
CA GLU A 58 -4.14 -10.45 -0.41
C GLU A 58 -2.74 -11.02 -0.64
N ASP A 59 -1.84 -10.28 -1.29
CA ASP A 59 -0.46 -10.76 -1.45
C ASP A 59 0.31 -10.65 -0.15
N ILE A 60 -0.08 -9.73 0.73
CA ILE A 60 0.63 -9.46 1.97
C ILE A 60 -0.01 -10.13 3.16
N PHE A 61 -1.34 -10.13 3.22
CA PHE A 61 -2.09 -10.62 4.37
C PHE A 61 -2.88 -11.87 4.01
N GLN A 62 -2.93 -12.81 4.95
CA GLN A 62 -3.84 -13.95 4.89
C GLN A 62 -4.89 -13.78 5.98
N ASP A 63 -6.12 -14.11 5.66
CA ASP A 63 -7.28 -13.87 6.53
C ASP A 63 -7.22 -14.73 7.80
N SER B 2 28.59 10.14 -13.46
CA SER B 2 27.86 10.38 -14.70
C SER B 2 26.96 9.19 -15.04
N LYS B 3 26.44 8.54 -14.00
CA LYS B 3 25.53 7.42 -14.14
C LYS B 3 24.83 7.21 -12.79
N ASN B 4 23.83 6.35 -12.78
CA ASN B 4 23.08 6.09 -11.55
C ASN B 4 22.45 4.70 -11.61
N ARG B 5 21.93 4.28 -10.46
CA ARG B 5 21.32 2.97 -10.27
C ARG B 5 19.80 3.02 -10.13
N ILE B 6 19.16 4.09 -10.64
CA ILE B 6 17.73 4.29 -10.41
C ILE B 6 16.91 3.17 -11.04
N LYS B 7 17.23 2.79 -12.29
CA LYS B 7 16.47 1.73 -12.94
C LYS B 7 16.53 0.43 -12.15
N VAL B 8 17.73 0.05 -11.71
CA VAL B 8 17.89 -1.20 -10.97
C VAL B 8 17.17 -1.12 -9.64
N LEU B 9 17.24 0.03 -8.96
CA LEU B 9 16.59 0.18 -7.67
C LEU B 9 15.07 0.15 -7.81
N ARG B 10 14.52 0.71 -8.89
CA ARG B 10 13.09 0.60 -9.13
C ARG B 10 12.65 -0.85 -9.17
N ALA B 11 13.38 -1.68 -9.92
CA ALA B 11 13.01 -3.09 -10.02
C ALA B 11 13.09 -3.77 -8.67
N GLU B 12 14.10 -3.41 -7.87
CA GLU B 12 14.27 -4.04 -6.57
C GLU B 12 13.15 -3.66 -5.62
N HIS B 13 12.56 -2.48 -5.82
CA HIS B 13 11.48 -1.97 -4.98
C HIS B 13 10.13 -2.09 -5.65
N ASN B 14 10.06 -2.81 -6.78
CA ASN B 14 8.81 -3.13 -7.47
C ASN B 14 8.07 -1.88 -7.92
N LEU B 15 8.80 -0.92 -8.47
CA LEU B 15 8.24 0.35 -8.90
C LEU B 15 8.30 0.49 -10.41
N THR B 16 7.21 0.93 -11.02
CA THR B 16 7.26 1.43 -12.38
C THR B 16 7.88 2.84 -12.37
N GLN B 17 8.24 3.33 -13.56
CA GLN B 17 8.68 4.72 -13.66
C GLN B 17 7.62 5.67 -13.15
N ALA B 18 6.36 5.41 -13.51
CA ALA B 18 5.27 6.26 -13.05
C ALA B 18 5.06 6.17 -11.54
N ASP B 19 5.22 4.96 -10.96
CA ASP B 19 5.15 4.82 -9.51
C ASP B 19 6.20 5.67 -8.83
N LEU B 20 7.45 5.56 -9.29
CA LEU B 20 8.52 6.33 -8.67
C LEU B 20 8.29 7.82 -8.85
N ALA B 21 7.88 8.23 -10.06
CA ALA B 21 7.58 9.65 -10.30
C ALA B 21 6.52 10.17 -9.34
N ASP B 22 5.43 9.41 -9.17
CA ASP B 22 4.35 9.88 -8.30
C ASP B 22 4.79 9.95 -6.84
N LYS B 23 5.68 9.06 -6.41
CA LYS B 23 6.13 9.12 -5.03
C LYS B 23 7.06 10.31 -4.77
N LEU B 24 7.69 10.84 -5.83
CA LEU B 24 8.61 11.96 -5.71
C LEU B 24 8.01 13.29 -6.17
N ASP B 25 6.74 13.29 -6.59
CA ASP B 25 6.05 14.47 -7.10
C ASP B 25 6.77 15.07 -8.30
N VAL B 26 7.34 14.20 -9.14
CA VAL B 26 7.89 14.60 -10.44
C VAL B 26 7.18 13.80 -11.53
N SER B 27 7.39 14.22 -12.78
CA SER B 27 6.69 13.53 -13.86
C SER B 27 7.42 12.25 -14.26
N ARG B 28 6.69 11.37 -14.94
CA ARG B 28 7.29 10.13 -15.39
C ARG B 28 8.44 10.40 -16.36
N GLN B 29 8.28 11.44 -17.20
CA GLN B 29 9.34 11.81 -18.12
C GLN B 29 10.61 12.24 -17.38
N THR B 30 10.47 12.90 -16.24
CA THR B 30 11.63 13.29 -15.45
C THR B 30 12.39 12.06 -14.96
N ILE B 31 11.66 11.05 -14.48
CA ILE B 31 12.29 9.81 -14.04
C ILE B 31 13.01 9.15 -15.22
N ASN B 32 12.36 9.09 -16.37
CA ASN B 32 13.00 8.47 -17.53
C ASN B 32 14.24 9.26 -17.95
N ALA B 33 14.16 10.59 -17.87
CA ALA B 33 15.31 11.43 -18.21
C ALA B 33 16.48 11.19 -17.27
N LEU B 34 16.18 10.95 -15.99
CA LEU B 34 17.23 10.62 -15.02
C LEU B 34 17.87 9.29 -15.35
N GLU B 35 17.06 8.28 -15.67
CA GLU B 35 17.60 6.94 -15.94
C GLU B 35 18.44 6.93 -17.20
N THR B 36 18.05 7.71 -18.22
CA THR B 36 18.84 7.81 -19.44
C THR B 36 19.98 8.81 -19.34
N GLY B 37 20.06 9.57 -18.25
CA GLY B 37 21.09 10.59 -18.10
C GLY B 37 20.84 11.89 -18.85
N LYS B 38 19.67 12.09 -19.46
CA LYS B 38 19.43 13.32 -20.19
C LYS B 38 19.37 14.52 -19.25
N TYR B 39 18.80 14.32 -18.07
CA TYR B 39 18.66 15.38 -17.09
C TYR B 39 19.47 14.97 -15.88
N ASP B 40 20.36 15.85 -15.47
CA ASP B 40 21.00 15.65 -14.18
C ASP B 40 20.07 16.17 -13.11
N PRO B 41 19.86 15.42 -12.02
CA PRO B 41 18.86 15.87 -11.06
C PRO B 41 19.35 17.08 -10.31
N SER B 42 18.40 17.93 -9.94
CA SER B 42 18.69 18.92 -8.92
C SER B 42 19.09 18.19 -7.65
N LEU B 43 19.85 18.88 -6.81
CA LEU B 43 20.22 18.27 -5.53
C LEU B 43 19.00 17.90 -4.70
N PRO B 44 17.95 18.73 -4.57
CA PRO B 44 16.76 18.28 -3.83
C PRO B 44 16.14 17.00 -4.36
N LEU B 45 16.10 16.82 -5.68
CA LEU B 45 15.52 15.59 -6.23
C LEU B 45 16.40 14.39 -5.91
N ALA B 46 17.73 14.58 -5.94
CA ALA B 46 18.64 13.52 -5.54
C ALA B 46 18.43 13.14 -4.08
N PHE B 47 18.24 14.14 -3.21
CA PHE B 47 17.92 13.86 -1.81
C PHE B 47 16.63 13.06 -1.68
N LYS B 48 15.59 13.45 -2.41
CA LYS B 48 14.31 12.74 -2.30
C LYS B 48 14.47 11.28 -2.73
N LEU B 49 15.24 11.03 -3.80
CA LEU B 49 15.49 9.67 -4.23
C LEU B 49 16.26 8.88 -3.16
N ALA B 50 17.30 9.47 -2.58
CA ALA B 50 18.10 8.78 -1.58
C ALA B 50 17.24 8.37 -0.38
N ARG B 51 16.41 9.29 0.11
CA ARG B 51 15.58 8.95 1.26
C ARG B 51 14.51 7.93 0.91
N LEU B 52 13.96 7.98 -0.32
CA LEU B 52 12.97 7.00 -0.71
C LEU B 52 13.55 5.59 -0.67
N PHE B 53 14.79 5.43 -1.15
CA PHE B 53 15.43 4.12 -1.19
C PHE B 53 16.25 3.81 0.06
N GLY B 54 16.33 4.73 1.01
CA GLY B 54 17.07 4.48 2.23
C GLY B 54 18.56 4.42 2.05
N LEU B 55 19.11 5.20 1.12
CA LEU B 55 20.52 5.18 0.77
C LEU B 55 21.07 6.60 0.83
N ARG B 56 22.39 6.72 0.79
CA ARG B 56 22.99 8.03 0.58
C ARG B 56 23.02 8.35 -0.91
N ILE B 57 23.11 9.64 -1.23
CA ILE B 57 23.15 10.07 -2.63
C ILE B 57 24.26 9.36 -3.38
N GLU B 58 25.43 9.25 -2.74
CA GLU B 58 26.58 8.59 -3.35
C GLU B 58 26.35 7.10 -3.58
N ASP B 59 25.37 6.49 -2.90
CA ASP B 59 25.03 5.10 -3.18
C ASP B 59 24.26 4.94 -4.48
N ILE B 60 23.52 5.97 -4.88
CA ILE B 60 22.66 5.91 -6.04
C ILE B 60 23.32 6.53 -7.26
N PHE B 61 24.00 7.66 -7.07
CA PHE B 61 24.59 8.41 -8.16
C PHE B 61 26.11 8.32 -8.04
N GLN B 62 26.78 8.08 -9.15
CA GLN B 62 28.23 8.16 -9.22
C GLN B 62 28.62 9.24 -10.20
N ASP B 63 29.66 10.01 -9.86
CA ASP B 63 30.07 11.15 -10.66
C ASP B 63 31.58 11.29 -10.59
N GLU B 64 32.15 11.92 -11.61
CA GLU B 64 33.59 12.10 -11.71
C GLU B 64 34.03 13.40 -11.05
N GLY B 65 35.33 13.49 -10.78
CA GLY B 65 35.91 14.69 -10.22
C GLY B 65 36.71 14.46 -8.96
N SER C 2 -15.04 4.36 4.48
CA SER C 2 -14.52 5.27 3.48
C SER C 2 -15.42 5.30 2.25
N LYS C 3 -14.89 4.82 1.13
CA LYS C 3 -15.61 4.73 -0.13
C LYS C 3 -15.62 3.26 -0.54
N ASN C 4 -16.79 2.76 -0.93
CA ASN C 4 -16.88 1.37 -1.35
C ASN C 4 -18.13 1.18 -2.22
N ARG C 5 -18.17 0.00 -2.86
CA ARG C 5 -19.23 -0.35 -3.80
C ARG C 5 -20.20 -1.37 -3.21
N ILE C 6 -20.27 -1.44 -1.87
CA ILE C 6 -21.12 -2.44 -1.24
C ILE C 6 -22.58 -2.22 -1.61
N LYS C 7 -23.04 -0.97 -1.58
CA LYS C 7 -24.44 -0.68 -1.90
C LYS C 7 -24.74 -1.01 -3.35
N VAL C 8 -23.81 -0.70 -4.26
CA VAL C 8 -23.98 -1.06 -5.67
C VAL C 8 -24.02 -2.57 -5.83
N LEU C 9 -23.17 -3.28 -5.08
CA LEU C 9 -23.15 -4.74 -5.17
C LEU C 9 -24.42 -5.35 -4.57
N ARG C 10 -24.94 -4.76 -3.49
CA ARG C 10 -26.22 -5.21 -2.96
C ARG C 10 -27.32 -5.10 -4.01
N ALA C 11 -27.37 -3.96 -4.70
CA ALA C 11 -28.37 -3.77 -5.74
C ALA C 11 -28.18 -4.75 -6.89
N GLU C 12 -26.94 -5.01 -7.28
CA GLU C 12 -26.69 -5.92 -8.39
C GLU C 12 -27.07 -7.35 -8.04
N HIS C 13 -26.99 -7.72 -6.76
CA HIS C 13 -27.33 -9.08 -6.35
C HIS C 13 -28.66 -9.12 -5.60
N ASN C 14 -29.39 -8.01 -5.56
CA ASN C 14 -30.74 -7.94 -4.97
C ASN C 14 -30.74 -8.37 -3.50
N LEU C 15 -29.81 -7.81 -2.75
CA LEU C 15 -29.63 -8.10 -1.33
C LEU C 15 -30.05 -6.90 -0.51
N THR C 16 -30.81 -7.15 0.54
CA THR C 16 -31.05 -6.11 1.54
C THR C 16 -29.84 -5.99 2.48
N GLN C 17 -29.84 -4.91 3.26
CA GLN C 17 -28.83 -4.78 4.31
C GLN C 17 -28.90 -5.95 5.28
N ALA C 18 -30.12 -6.36 5.64
CA ALA C 18 -30.30 -7.49 6.54
C ALA C 18 -29.81 -8.79 5.88
N ASP C 19 -30.06 -8.96 4.58
CA ASP C 19 -29.54 -10.13 3.88
C ASP C 19 -28.01 -10.19 3.97
N LEU C 20 -27.36 -9.07 3.65
CA LEU C 20 -25.91 -9.03 3.69
C LEU C 20 -25.40 -9.23 5.12
N ALA C 21 -26.05 -8.57 6.08
CA ALA C 21 -25.71 -8.77 7.49
C ALA C 21 -25.84 -10.24 7.89
N ASP C 22 -26.93 -10.89 7.48
CA ASP C 22 -27.10 -12.30 7.83
C ASP C 22 -26.04 -13.17 7.16
N LYS C 23 -25.64 -12.82 5.94
CA LYS C 23 -24.64 -13.62 5.24
C LYS C 23 -23.24 -13.42 5.82
N LEU C 24 -22.98 -12.29 6.47
CA LEU C 24 -21.69 -12.00 7.06
C LEU C 24 -21.64 -12.09 8.57
N ASP C 25 -22.77 -12.33 9.22
CA ASP C 25 -22.81 -12.39 10.68
C ASP C 25 -22.37 -11.07 11.31
N VAL C 26 -22.77 -9.98 10.68
CA VAL C 26 -22.63 -8.66 11.28
C VAL C 26 -24.04 -8.05 11.46
N SER C 27 -24.11 -6.99 12.24
CA SER C 27 -25.43 -6.46 12.45
C SER C 27 -25.81 -5.57 11.26
N ARG C 28 -27.12 -5.34 11.12
CA ARG C 28 -27.58 -4.45 10.07
C ARG C 28 -26.97 -3.06 10.23
N GLN C 29 -26.82 -2.61 11.49
CA GLN C 29 -26.23 -1.29 11.73
C GLN C 29 -24.79 -1.26 11.25
N THR C 30 -24.07 -2.38 11.39
CA THR C 30 -22.70 -2.45 10.90
C THR C 30 -22.64 -2.28 9.39
N ILE C 31 -23.55 -2.95 8.66
CA ILE C 31 -23.59 -2.84 7.21
C ILE C 31 -23.87 -1.41 6.79
N ASN C 32 -24.85 -0.77 7.43
CA ASN C 32 -25.22 0.59 7.04
C ASN C 32 -24.07 1.57 7.28
N ALA C 33 -23.32 1.39 8.37
CA ALA C 33 -22.19 2.28 8.62
C ALA C 33 -21.12 2.15 7.53
N LEU C 34 -20.90 0.93 7.03
CA LEU C 34 -19.93 0.74 5.96
C LEU C 34 -20.39 1.37 4.65
N GLU C 35 -21.65 1.15 4.27
CA GLU C 35 -22.14 1.62 2.98
C GLU C 35 -22.17 3.13 2.91
N THR C 36 -22.51 3.80 4.01
CA THR C 36 -22.57 5.25 4.03
C THR C 36 -21.21 5.89 4.19
N GLY C 37 -20.14 5.10 4.33
CA GLY C 37 -18.82 5.63 4.60
C GLY C 37 -18.61 6.01 6.04
N LYS C 38 -19.51 5.59 6.93
CA LYS C 38 -19.43 6.00 8.32
C LYS C 38 -18.25 5.35 9.04
N TYR C 39 -17.99 4.09 8.75
CA TYR C 39 -16.96 3.31 9.42
C TYR C 39 -15.95 2.77 8.41
N ASP C 40 -14.67 2.89 8.74
CA ASP C 40 -13.67 2.13 8.00
C ASP C 40 -13.59 0.71 8.56
N PRO C 41 -13.66 -0.30 7.72
CA PRO C 41 -13.67 -1.69 8.21
C PRO C 41 -12.30 -2.18 8.65
N SER C 42 -12.31 -3.08 9.61
CA SER C 42 -11.12 -3.87 9.88
C SER C 42 -10.79 -4.73 8.65
N LEU C 43 -9.51 -5.10 8.54
CA LEU C 43 -9.11 -5.99 7.44
C LEU C 43 -9.86 -7.31 7.44
N PRO C 44 -10.05 -8.02 8.56
CA PRO C 44 -10.84 -9.26 8.51
C PRO C 44 -12.24 -9.07 7.93
N LEU C 45 -12.89 -7.94 8.23
CA LEU C 45 -14.21 -7.70 7.68
C LEU C 45 -14.17 -7.43 6.18
N ALA C 46 -13.14 -6.73 5.71
CA ALA C 46 -13.00 -6.50 4.29
C ALA C 46 -12.83 -7.82 3.53
N PHE C 47 -12.05 -8.75 4.09
CA PHE C 47 -11.89 -10.06 3.46
C PHE C 47 -13.23 -10.79 3.35
N LYS C 48 -14.02 -10.79 4.42
CA LYS C 48 -15.29 -11.51 4.38
C LYS C 48 -16.23 -10.93 3.32
N LEU C 49 -16.23 -9.61 3.17
CA LEU C 49 -17.02 -9.00 2.11
C LEU C 49 -16.52 -9.44 0.74
N ALA C 50 -15.20 -9.42 0.56
CA ALA C 50 -14.62 -9.84 -0.72
C ALA C 50 -14.94 -11.28 -1.04
N ARG C 51 -14.82 -12.18 -0.05
CA ARG C 51 -15.06 -13.60 -0.30
C ARG C 51 -16.52 -13.86 -0.61
N LEU C 52 -17.42 -13.13 0.06
CA LEU C 52 -18.85 -13.33 -0.17
C LEU C 52 -19.24 -13.03 -1.61
N PHE C 53 -18.71 -11.93 -2.17
CA PHE C 53 -19.03 -11.51 -3.52
C PHE C 53 -18.11 -12.10 -4.57
N GLY C 54 -17.09 -12.86 -4.17
CA GLY C 54 -16.18 -13.45 -5.15
C GLY C 54 -15.27 -12.43 -5.80
N LEU C 55 -14.85 -11.40 -5.06
CA LEU C 55 -14.07 -10.30 -5.61
C LEU C 55 -12.82 -10.08 -4.77
N ARG C 56 -11.93 -9.23 -5.29
CA ARG C 56 -10.79 -8.73 -4.55
C ARG C 56 -11.22 -7.61 -3.60
N ILE C 57 -10.44 -7.41 -2.55
CA ILE C 57 -10.71 -6.27 -1.67
C ILE C 57 -10.68 -4.97 -2.47
N GLU C 58 -9.69 -4.82 -3.36
CA GLU C 58 -9.54 -3.62 -4.16
C GLU C 58 -10.69 -3.42 -5.14
N ASP C 59 -11.46 -4.47 -5.44
CA ASP C 59 -12.63 -4.32 -6.30
C ASP C 59 -13.79 -3.65 -5.59
N ILE C 60 -13.86 -3.80 -4.27
CA ILE C 60 -14.99 -3.33 -3.49
C ILE C 60 -14.69 -2.00 -2.81
N PHE C 61 -13.47 -1.82 -2.31
CA PHE C 61 -13.12 -0.67 -1.49
C PHE C 61 -12.18 0.28 -2.23
N GLN C 62 -12.44 1.58 -2.09
CA GLN C 62 -11.58 2.62 -2.63
C GLN C 62 -10.96 3.43 -1.48
N ASP C 63 -9.71 3.83 -1.65
CA ASP C 63 -8.99 4.51 -0.59
C ASP C 63 -7.97 5.48 -1.17
N GLU C 64 -7.89 6.69 -0.61
CA GLU C 64 -6.99 7.74 -1.09
C GLU C 64 -5.52 7.41 -0.87
N GLY C 65 -5.22 6.44 -0.01
CA GLY C 65 -3.84 6.14 0.32
C GLY C 65 -3.34 6.88 1.54
O1 PG4 D . -24.70 -13.64 -3.52
C1 PG4 D . -23.59 -12.79 -3.34
C2 PG4 D . -22.79 -12.71 -4.61
O2 PG4 D . -22.21 -13.95 -4.88
C3 PG4 D . -21.46 -13.96 -6.07
C4 PG4 D . -20.38 -15.00 -5.96
O3 PG4 D . -20.91 -16.16 -5.40
C5 PG4 D . -19.99 -17.22 -5.26
C6 PG4 D . -19.24 -17.09 -3.97
O4 PG4 D . -20.13 -17.19 -2.89
C7 PG4 D . -19.48 -17.17 -1.64
C8 PG4 D . -18.82 -18.50 -1.36
O5 PG4 D . -18.20 -18.45 -0.10
#